data_9IJ2
#
_entry.id   9IJ2
#
_cell.length_a   1.00
_cell.length_b   1.00
_cell.length_c   1.00
_cell.angle_alpha   90.00
_cell.angle_beta   90.00
_cell.angle_gamma   90.00
#
_symmetry.space_group_name_H-M   'P 1'
#
loop_
_entity.id
_entity.type
_entity.pdbx_description
1 polymer 'Piwi-like protein 2'
2 polymer "RNA (5'-R(P*UP*UP*AP*CP*CP*AP*UP*CP*AP*AP*CP*AP*UP*GP*GP*AP*AP*AP*CP*UP*UP*G)-3')"
3 polymer "RNA (5'-R(P*CP*AP*AP*GP*UP*UP*UP*CP*CP*AP*UP*GP*UP*UP*GP*AP*UP*GP*GP*UP*A)-3')"
#
loop_
_entity_poly.entity_id
_entity_poly.type
_entity_poly.pdbx_seq_one_letter_code
_entity_poly.pdbx_strand_id
1 'polypeptide(L)'
;MDPVRPLFRGPTPVHPSQCVRMPGCWPQAPRPLEPAWGRAGPAGRGLVFRKPEDSSPPLQPVQKDSVGLVSMFRGMGLDT
AFRPPSKREVPPLGRGVLGRGLSANMVRKDREEPRSSLPDPSVLAAGDSKLAEASVGWSRMLGRGSSEVSLLPLGRAASS
IGRGMDKPPSAFGLTARDPPRLPQPPALSPTSLHSADPPPVLTMERKEKELLVKQGSKGTPQSLGLNLIKIQCHNEAVYQ
YHVTFSPSVECKSMRFGMLKDHQSVTGNVTAFDGSILYLPVKLQQVVELKSQRKTDDAEISIKIQLTKILEPCSDLCIPF
YNVVFRRVMKLLDMKLVGRNFYDPTSAMVLQQHRLQIWPGYAASIRRTDGGLFLLADVSHKVIRNDSVLDVMHAIYQQNK
EHFQDECSKLLVGSIVITRYNNRTYRIDDVDWNKTPKDSFVMSDGKEITFLEYYSKNYGITVKEDDQPLLIHRPSERQNN
HGMLLKGEILLLPELSFMTGIPEKMKKDFRAMKDLTQQINLSPKQHHGALECLLQRISQNETASNELTRWGLSLHKDVHK
IEGRLLPMERINLRNTSFVTSEDLNWVKEVTRDASILTIPMHFWALFYPKRAMDQARELVNMLEKIAGPIGMRISPPAWV
ELKDDRIETYIRTIQSLLGVEGKIQMVVCIIMGTRDDLYGAIKKLCCVQSPVPSQVINVRTIGQPTRLRSVAQKILLQMN
CKLGGELWGVDIPLKQLMVIGMDVYHDPSRGMRSVVGFVASINLTLTKWYSRVVFQMPHQEIVDSLKLCLVGSLKKYYEV
NHCLPEKIVVYRDGVSDGQLKTVANYEIPQLQKCFEAFDNYHPKMVVFVVQKKISTNLYLAAPDHFVTPSPGTVVDHTIT
SCEWVDFYLLAHHVRQGCGIPTHYICVLNTANLSPDHMQRLTFKLCHMYWNWPGTIRVPAPCKYAHKLAFLSGQILHHEP
AIQLCGNLFFL
;
A
2 'polyribonucleotide' UUACCAUCAACAUGGAAACUUG B
3 'polyribonucleotide' CAAGUUUCCAUGUUGAUGGUA C
#
# COMPACT_ATOMS: atom_id res chain seq x y z
N ARG A 570 0.74 -1.45 21.40
CA ARG A 570 0.12 -0.89 20.21
C ARG A 570 0.38 -1.80 19.01
N ILE A 571 1.63 -2.22 18.88
CA ILE A 571 2.09 -3.01 17.74
C ILE A 571 2.36 -4.44 18.22
N ASN A 572 1.94 -5.41 17.40
CA ASN A 572 2.06 -6.83 17.74
C ASN A 572 3.02 -7.51 16.77
N LEU A 573 3.18 -8.82 16.95
CA LEU A 573 4.07 -9.63 16.14
C LEU A 573 3.72 -11.09 16.33
N ARG A 574 4.54 -11.98 15.77
CA ARG A 574 4.42 -13.41 15.97
C ARG A 574 5.05 -13.78 17.31
N ASN A 575 4.29 -14.53 18.12
CA ASN A 575 4.70 -15.10 19.40
C ASN A 575 5.05 -14.08 20.47
N THR A 576 4.91 -12.79 20.17
CA THR A 576 5.17 -11.70 21.10
C THR A 576 4.53 -10.44 20.54
N SER A 577 4.46 -9.43 21.38
CA SER A 577 4.05 -8.09 20.95
C SER A 577 5.28 -7.32 20.53
N PHE A 578 5.06 -6.26 19.76
CA PHE A 578 6.17 -5.42 19.31
C PHE A 578 6.41 -4.26 20.25
N VAL A 579 7.59 -3.66 20.12
CA VAL A 579 8.05 -2.65 21.06
C VAL A 579 7.34 -1.32 20.81
N THR A 580 6.91 -0.69 21.90
CA THR A 580 6.31 0.64 21.88
C THR A 580 7.27 1.57 22.61
N SER A 581 7.99 2.39 21.85
CA SER A 581 9.01 3.25 22.44
C SER A 581 8.37 4.56 22.91
N GLU A 582 9.23 5.52 23.26
CA GLU A 582 8.76 6.73 23.94
C GLU A 582 8.04 7.68 22.98
N ASP A 583 8.76 8.20 21.99
CA ASP A 583 8.16 9.00 20.93
C ASP A 583 7.78 8.17 19.73
N LEU A 584 7.65 6.84 19.92
CA LEU A 584 7.23 5.84 18.92
C LEU A 584 8.05 5.90 17.62
N ASN A 585 9.31 6.31 17.70
CA ASN A 585 10.27 6.14 16.61
C ASN A 585 11.46 5.35 17.12
N TRP A 586 11.77 4.26 16.44
CA TRP A 586 12.80 3.33 16.89
C TRP A 586 13.96 3.26 15.90
N VAL A 587 13.64 2.96 14.63
CA VAL A 587 14.46 3.20 13.44
C VAL A 587 15.85 2.55 13.48
N LYS A 588 16.67 2.87 14.48
CA LYS A 588 18.05 2.42 14.55
C LYS A 588 18.14 0.93 14.86
N GLU A 589 18.28 0.11 13.81
CA GLU A 589 18.53 -1.32 13.86
C GLU A 589 17.52 -2.07 14.73
N VAL A 590 16.26 -2.08 14.31
CA VAL A 590 15.16 -2.61 15.10
C VAL A 590 14.51 -3.76 14.34
N THR A 591 13.38 -4.26 14.86
CA THR A 591 12.74 -5.50 14.46
C THR A 591 13.72 -6.67 14.57
N ARG A 592 14.18 -6.94 15.78
CA ARG A 592 15.02 -8.10 16.08
C ARG A 592 14.15 -9.29 16.49
N ASP A 593 13.13 -9.55 15.66
CA ASP A 593 12.08 -10.51 15.98
C ASP A 593 11.28 -10.79 14.71
N ALA A 594 10.18 -11.53 14.88
CA ALA A 594 9.51 -12.20 13.77
C ALA A 594 8.61 -11.24 12.98
N SER A 595 7.73 -11.82 12.15
CA SER A 595 6.69 -11.08 11.44
C SER A 595 5.46 -11.98 11.35
N ILE A 596 4.37 -11.44 10.78
CA ILE A 596 3.11 -12.18 10.75
C ILE A 596 3.18 -13.36 9.80
N LEU A 597 3.72 -13.15 8.59
CA LEU A 597 3.82 -14.25 7.65
C LEU A 597 5.15 -14.15 6.94
N THR A 598 5.81 -15.29 6.75
CA THR A 598 7.09 -15.38 6.07
C THR A 598 7.04 -16.57 5.11
N ILE A 599 6.55 -16.35 3.89
CA ILE A 599 6.64 -17.38 2.86
C ILE A 599 8.09 -17.45 2.38
N PRO A 600 8.63 -18.65 2.10
CA PRO A 600 10.06 -18.75 1.77
C PRO A 600 10.36 -18.26 0.37
N MET A 601 11.12 -17.19 0.27
CA MET A 601 11.37 -16.49 -0.99
C MET A 601 12.56 -17.15 -1.69
N HIS A 602 12.31 -17.75 -2.86
CA HIS A 602 13.39 -18.33 -3.65
C HIS A 602 13.51 -17.71 -5.04
N PHE A 603 12.41 -17.62 -5.78
CA PHE A 603 12.47 -17.22 -7.19
C PHE A 603 12.18 -15.72 -7.29
N TRP A 604 13.10 -14.93 -6.75
CA TRP A 604 13.04 -13.47 -6.81
C TRP A 604 14.25 -13.03 -7.66
N ALA A 605 14.05 -13.00 -8.97
CA ALA A 605 15.14 -12.85 -9.92
C ALA A 605 15.75 -11.44 -9.83
N LEU A 606 16.98 -11.37 -9.35
CA LEU A 606 17.64 -10.10 -9.05
C LEU A 606 18.47 -9.66 -10.24
N PHE A 607 18.27 -8.41 -10.66
CA PHE A 607 19.00 -7.79 -11.75
C PHE A 607 19.98 -6.79 -11.17
N TYR A 608 21.27 -6.98 -11.41
CA TYR A 608 22.20 -5.94 -11.00
C TYR A 608 22.91 -5.37 -12.23
N PRO A 609 23.25 -4.09 -12.22
CA PRO A 609 23.90 -3.48 -13.38
C PRO A 609 25.41 -3.71 -13.37
N LYS A 610 26.05 -3.21 -14.42
CA LYS A 610 27.50 -3.30 -14.59
C LYS A 610 28.26 -2.41 -13.63
N ARG A 611 27.63 -1.39 -13.06
CA ARG A 611 28.33 -0.39 -12.27
C ARG A 611 28.16 -0.56 -10.76
N ALA A 612 27.49 -1.63 -10.31
CA ALA A 612 27.34 -1.88 -8.88
C ALA A 612 27.44 -3.38 -8.59
N MET A 613 28.44 -4.05 -9.18
CA MET A 613 28.59 -5.49 -9.06
C MET A 613 28.86 -5.97 -7.64
N ASP A 614 30.00 -5.56 -7.08
CA ASP A 614 30.36 -6.01 -5.74
C ASP A 614 29.49 -5.37 -4.68
N GLN A 615 28.94 -4.18 -4.98
CA GLN A 615 27.93 -3.59 -4.10
C GLN A 615 26.70 -4.47 -4.00
N ALA A 616 26.22 -4.99 -5.13
CA ALA A 616 25.10 -5.92 -5.10
C ALA A 616 25.48 -7.26 -4.49
N ARG A 617 26.74 -7.66 -4.64
CA ARG A 617 27.23 -8.86 -3.95
C ARG A 617 27.13 -8.70 -2.44
N GLU A 618 27.54 -7.53 -1.95
CA GLU A 618 27.39 -7.19 -0.54
C GLU A 618 25.92 -7.11 -0.14
N LEU A 619 25.06 -6.64 -1.05
CA LEU A 619 23.62 -6.58 -0.79
C LEU A 619 23.03 -7.97 -0.56
N VAL A 620 23.35 -8.91 -1.45
CA VAL A 620 22.82 -10.26 -1.30
C VAL A 620 23.42 -10.94 -0.07
N ASN A 621 24.74 -10.79 0.13
CA ASN A 621 25.40 -11.41 1.28
C ASN A 621 24.89 -10.85 2.60
N MET A 622 24.50 -9.58 2.62
CA MET A 622 23.96 -8.99 3.84
C MET A 622 22.50 -9.35 4.04
N LEU A 623 21.75 -9.47 2.94
CA LEU A 623 20.35 -9.91 3.02
C LEU A 623 20.25 -11.33 3.56
N GLU A 624 21.18 -12.21 3.19
CA GLU A 624 21.19 -13.55 3.76
C GLU A 624 21.55 -13.52 5.24
N LYS A 625 22.53 -12.69 5.62
CA LYS A 625 22.97 -12.63 7.01
C LYS A 625 22.13 -11.62 7.80
N ILE A 626 22.61 -11.23 9.00
CA ILE A 626 21.87 -10.54 10.05
C ILE A 626 21.13 -9.28 9.57
N ALA A 627 19.82 -9.30 9.75
CA ALA A 627 18.95 -8.14 9.60
C ALA A 627 17.89 -8.21 10.69
N GLY A 628 18.19 -8.96 11.75
CA GLY A 628 17.21 -9.30 12.75
C GLY A 628 16.54 -10.61 12.40
N PRO A 629 16.19 -11.41 13.41
CA PRO A 629 15.54 -12.69 13.14
C PRO A 629 14.10 -12.52 12.66
N ILE A 630 13.95 -12.05 11.43
CA ILE A 630 12.64 -11.81 10.83
C ILE A 630 11.85 -13.11 10.66
N GLY A 631 12.51 -14.23 10.39
CA GLY A 631 11.84 -15.43 9.99
C GLY A 631 11.72 -15.58 8.49
N MET A 632 12.14 -14.57 7.73
CA MET A 632 12.25 -14.68 6.28
C MET A 632 13.26 -15.76 5.92
N ARG A 633 12.77 -16.85 5.34
CA ARG A 633 13.64 -17.94 4.86
C ARG A 633 14.32 -17.50 3.57
N ILE A 634 15.29 -16.60 3.73
CA ILE A 634 15.91 -15.96 2.57
C ILE A 634 16.93 -16.91 1.95
N SER A 635 16.96 -16.92 0.63
CA SER A 635 17.75 -17.87 -0.15
C SER A 635 18.46 -17.10 -1.26
N PRO A 636 19.52 -17.69 -1.84
CA PRO A 636 20.15 -17.09 -3.03
C PRO A 636 19.15 -16.90 -4.16
N PRO A 637 19.12 -15.72 -4.76
CA PRO A 637 18.14 -15.44 -5.82
C PRO A 637 18.65 -15.86 -7.20
N ALA A 638 17.82 -15.56 -8.21
CA ALA A 638 18.22 -15.76 -9.60
C ALA A 638 18.96 -14.52 -10.06
N TRP A 639 20.29 -14.63 -10.08
CA TRP A 639 21.15 -13.48 -10.29
C TRP A 639 21.23 -13.13 -11.78
N VAL A 640 20.93 -11.87 -12.11
CA VAL A 640 21.00 -11.36 -13.48
C VAL A 640 21.93 -10.16 -13.50
N GLU A 641 22.79 -10.10 -14.52
CA GLU A 641 23.80 -9.06 -14.67
C GLU A 641 23.51 -8.26 -15.93
N LEU A 642 23.48 -6.92 -15.80
CA LEU A 642 23.08 -6.04 -16.88
C LEU A 642 24.31 -5.54 -17.65
N LYS A 643 24.15 -5.36 -18.95
CA LYS A 643 25.24 -4.82 -19.76
C LYS A 643 25.50 -3.36 -19.43
N ASP A 644 24.46 -2.54 -19.40
CA ASP A 644 24.57 -1.12 -19.07
C ASP A 644 23.21 -0.63 -18.59
N ASP A 645 23.05 0.69 -18.52
CA ASP A 645 21.80 1.32 -18.12
C ASP A 645 21.08 2.00 -19.29
N ARG A 646 21.24 1.46 -20.49
CA ARG A 646 20.61 2.07 -21.66
C ARG A 646 19.12 1.72 -21.73
N ILE A 647 18.42 2.42 -22.61
CA ILE A 647 17.00 2.13 -22.84
C ILE A 647 16.83 0.77 -23.50
N GLU A 648 17.66 0.48 -24.50
CA GLU A 648 17.56 -0.78 -25.23
C GLU A 648 17.99 -1.95 -24.35
N THR A 649 18.84 -1.70 -23.36
CA THR A 649 19.29 -2.75 -22.47
C THR A 649 18.15 -3.26 -21.59
N TYR A 650 17.38 -2.35 -20.98
CA TYR A 650 16.26 -2.80 -20.15
C TYR A 650 15.09 -3.23 -21.02
N ILE A 651 14.74 -2.44 -22.04
CA ILE A 651 13.46 -2.59 -22.71
C ILE A 651 13.38 -3.85 -23.58
N ARG A 652 14.50 -4.55 -23.76
CA ARG A 652 14.48 -5.85 -24.40
C ARG A 652 13.69 -6.86 -23.58
N THR A 653 13.88 -6.88 -22.25
CA THR A 653 13.29 -7.94 -21.44
C THR A 653 12.73 -7.52 -20.08
N ILE A 654 12.67 -6.23 -19.74
CA ILE A 654 12.01 -5.90 -18.49
C ILE A 654 10.51 -5.87 -18.71
N GLN A 655 9.90 -7.05 -18.65
CA GLN A 655 8.49 -7.23 -18.33
C GLN A 655 8.37 -7.90 -16.97
N SER A 656 9.34 -7.57 -16.10
CA SER A 656 9.63 -8.27 -14.85
C SER A 656 9.91 -9.76 -15.09
N LEU A 657 10.57 -10.07 -16.21
CA LEU A 657 11.11 -11.40 -16.52
C LEU A 657 10.03 -12.49 -16.53
N LEU A 658 9.12 -12.38 -17.49
CA LEU A 658 8.14 -13.43 -17.74
C LEU A 658 8.37 -14.15 -19.06
N GLY A 659 9.60 -14.12 -19.59
CA GLY A 659 9.83 -14.61 -20.93
C GLY A 659 9.74 -16.11 -21.09
N VAL A 660 10.34 -16.87 -20.18
CA VAL A 660 10.54 -18.31 -20.35
C VAL A 660 9.60 -19.13 -19.48
N GLU A 661 9.70 -18.98 -18.16
CA GLU A 661 8.97 -19.85 -17.25
C GLU A 661 7.60 -19.31 -16.85
N GLY A 662 7.48 -18.02 -16.55
CA GLY A 662 6.21 -17.45 -16.15
C GLY A 662 5.83 -17.67 -14.70
N LYS A 663 6.64 -18.41 -13.94
CA LYS A 663 6.39 -18.66 -12.53
C LYS A 663 7.42 -17.86 -11.74
N ILE A 664 7.11 -16.59 -11.50
CA ILE A 664 7.97 -15.69 -10.75
C ILE A 664 7.17 -15.09 -9.61
N GLN A 665 7.88 -14.48 -8.67
CA GLN A 665 7.27 -13.64 -7.65
C GLN A 665 7.70 -12.18 -7.78
N MET A 666 9.01 -11.92 -7.69
CA MET A 666 9.52 -10.55 -7.74
C MET A 666 10.73 -10.48 -8.66
N VAL A 667 11.01 -9.26 -9.11
CA VAL A 667 12.24 -8.93 -9.82
C VAL A 667 12.82 -7.70 -9.11
N VAL A 668 14.05 -7.82 -8.63
CA VAL A 668 14.72 -6.75 -7.88
C VAL A 668 15.78 -6.15 -8.77
N CYS A 669 15.76 -4.83 -8.90
CA CYS A 669 16.69 -4.13 -9.78
C CYS A 669 17.41 -3.04 -9.02
N ILE A 670 18.72 -2.93 -9.26
CA ILE A 670 19.50 -1.76 -8.88
C ILE A 670 19.72 -0.91 -10.12
N ILE A 671 19.35 0.37 -10.02
CA ILE A 671 19.44 1.31 -11.12
C ILE A 671 20.28 2.50 -10.66
N MET A 672 21.11 3.01 -11.56
CA MET A 672 21.99 4.14 -11.28
C MET A 672 21.40 5.47 -11.74
N GLY A 673 20.91 5.52 -12.97
CA GLY A 673 20.35 6.75 -13.49
C GLY A 673 18.96 7.00 -12.93
N THR A 674 18.79 8.10 -12.20
CA THR A 674 17.50 8.43 -11.60
C THR A 674 16.59 9.13 -12.60
N ARG A 675 16.39 8.50 -13.76
CA ARG A 675 15.53 9.04 -14.80
C ARG A 675 14.13 8.47 -14.58
N ASP A 676 13.14 9.36 -14.43
CA ASP A 676 11.81 8.95 -13.96
C ASP A 676 11.06 8.12 -14.99
N ASP A 677 11.45 8.19 -16.26
CA ASP A 677 10.79 7.38 -17.29
C ASP A 677 11.16 5.91 -17.15
N LEU A 678 12.31 5.61 -16.54
CA LEU A 678 12.66 4.24 -16.19
C LEU A 678 11.65 3.66 -15.21
N TYR A 679 11.31 4.44 -14.17
CA TYR A 679 10.24 4.10 -13.25
C TYR A 679 8.93 3.93 -14.01
N GLY A 680 8.62 4.88 -14.91
CA GLY A 680 7.35 4.86 -15.59
C GLY A 680 7.14 3.60 -16.41
N ALA A 681 8.13 3.24 -17.23
CA ALA A 681 8.03 2.04 -18.03
C ALA A 681 8.05 0.78 -17.17
N ILE A 682 8.94 0.71 -16.17
CA ILE A 682 9.06 -0.49 -15.35
C ILE A 682 7.79 -0.72 -14.54
N LYS A 683 7.23 0.32 -13.93
CA LYS A 683 6.05 0.14 -13.12
C LYS A 683 4.79 -0.05 -13.97
N LYS A 684 4.75 0.52 -15.17
CA LYS A 684 3.63 0.27 -16.08
C LYS A 684 3.61 -1.19 -16.54
N LEU A 685 4.73 -1.70 -17.03
CA LEU A 685 4.73 -3.12 -17.40
C LEU A 685 4.96 -4.04 -16.21
N CYS A 686 5.00 -3.53 -14.98
CA CYS A 686 4.86 -4.37 -13.81
C CYS A 686 3.49 -4.26 -13.15
N CYS A 687 2.62 -3.36 -13.61
CA CYS A 687 1.29 -3.26 -13.01
C CYS A 687 0.18 -3.77 -13.91
N VAL A 688 0.16 -3.38 -15.18
CA VAL A 688 -0.95 -3.68 -16.08
C VAL A 688 -0.54 -4.61 -17.21
N GLN A 689 0.68 -4.46 -17.74
CA GLN A 689 1.12 -5.31 -18.84
C GLN A 689 1.67 -6.63 -18.35
N SER A 690 2.05 -6.70 -17.07
CA SER A 690 2.50 -7.90 -16.39
C SER A 690 2.36 -7.67 -14.90
N PRO A 691 1.19 -7.97 -14.31
CA PRO A 691 0.94 -7.54 -12.92
C PRO A 691 1.77 -8.30 -11.90
N VAL A 692 2.84 -7.65 -11.44
CA VAL A 692 3.88 -8.24 -10.58
C VAL A 692 4.36 -7.18 -9.60
N PRO A 693 4.36 -7.44 -8.29
CA PRO A 693 5.00 -6.51 -7.36
C PRO A 693 6.51 -6.61 -7.43
N SER A 694 7.18 -5.45 -7.33
CA SER A 694 8.62 -5.41 -7.45
C SER A 694 9.15 -4.19 -6.71
N GLN A 695 10.46 -4.22 -6.42
CA GLN A 695 11.13 -3.12 -5.73
C GLN A 695 12.43 -2.78 -6.45
N VAL A 696 12.66 -1.48 -6.64
CA VAL A 696 13.86 -0.99 -7.31
C VAL A 696 14.79 -0.37 -6.28
N ILE A 697 16.08 -0.33 -6.63
CA ILE A 697 17.13 0.09 -5.71
C ILE A 697 17.95 1.16 -6.43
N ASN A 698 18.22 2.27 -5.74
CA ASN A 698 19.05 3.34 -6.30
C ASN A 698 20.44 3.27 -5.66
N VAL A 699 21.48 3.39 -6.49
CA VAL A 699 22.85 3.25 -6.00
C VAL A 699 23.24 4.42 -5.10
N ARG A 700 22.77 5.62 -5.40
CA ARG A 700 23.30 6.82 -4.77
C ARG A 700 22.81 7.04 -3.34
N THR A 701 21.89 6.21 -2.84
CA THR A 701 21.43 6.33 -1.46
C THR A 701 21.88 5.19 -0.57
N ILE A 702 22.17 4.02 -1.15
CA ILE A 702 22.48 2.80 -0.42
C ILE A 702 23.88 2.28 -0.74
N GLY A 703 24.64 3.02 -1.55
CA GLY A 703 25.89 2.51 -2.11
C GLY A 703 27.04 2.39 -1.13
N GLN A 704 26.87 2.83 0.11
CA GLN A 704 27.96 2.82 1.06
C GLN A 704 27.66 1.90 2.22
N PRO A 705 28.69 1.31 2.83
CA PRO A 705 28.49 0.59 4.09
C PRO A 705 28.35 1.52 5.28
N THR A 706 28.31 0.93 6.48
CA THR A 706 28.14 1.54 7.81
C THR A 706 26.72 2.04 8.05
N ARG A 707 25.89 2.06 7.00
CA ARG A 707 24.46 2.27 7.11
C ARG A 707 23.70 1.10 6.50
N LEU A 708 24.39 0.04 6.10
CA LEU A 708 23.78 -1.03 5.31
C LEU A 708 22.76 -1.84 6.10
N ARG A 709 22.89 -1.84 7.44
CA ARG A 709 22.00 -2.61 8.30
C ARG A 709 20.55 -2.18 8.14
N SER A 710 20.30 -0.88 8.27
CA SER A 710 18.92 -0.41 8.31
C SER A 710 18.28 -0.43 6.92
N VAL A 711 19.04 -0.11 5.88
CA VAL A 711 18.45 -0.15 4.55
C VAL A 711 18.21 -1.59 4.11
N ALA A 712 19.10 -2.52 4.49
CA ALA A 712 18.85 -3.93 4.24
C ALA A 712 17.61 -4.41 4.99
N GLN A 713 17.45 -3.95 6.24
CA GLN A 713 16.27 -4.28 7.02
C GLN A 713 15.00 -3.73 6.38
N LYS A 714 15.05 -2.50 5.88
CA LYS A 714 13.86 -1.89 5.30
C LYS A 714 13.53 -2.51 3.95
N ILE A 715 14.53 -2.94 3.20
CA ILE A 715 14.29 -3.68 1.96
C ILE A 715 13.62 -5.01 2.27
N LEU A 716 14.08 -5.69 3.34
CA LEU A 716 13.45 -6.95 3.74
C LEU A 716 12.02 -6.74 4.21
N LEU A 717 11.76 -5.64 4.93
CA LEU A 717 10.40 -5.38 5.41
C LEU A 717 9.49 -4.98 4.25
N GLN A 718 10.02 -4.26 3.25
CA GLN A 718 9.26 -3.95 2.06
C GLN A 718 8.93 -5.22 1.28
N MET A 719 9.87 -6.16 1.20
CA MET A 719 9.58 -7.45 0.59
C MET A 719 8.55 -8.23 1.40
N ASN A 720 8.60 -8.08 2.73
CA ASN A 720 7.66 -8.77 3.61
C ASN A 720 6.24 -8.28 3.36
N CYS A 721 6.06 -6.97 3.25
CA CYS A 721 4.75 -6.44 2.88
C CYS A 721 4.39 -6.75 1.44
N LYS A 722 5.38 -6.88 0.56
CA LYS A 722 5.14 -6.95 -0.86
C LYS A 722 4.91 -8.37 -1.37
N LEU A 723 5.19 -9.40 -0.56
CA LEU A 723 4.95 -10.77 -0.97
C LEU A 723 3.56 -11.26 -0.59
N GLY A 724 2.65 -10.35 -0.27
CA GLY A 724 1.39 -10.74 0.31
C GLY A 724 1.45 -11.00 1.81
N GLY A 725 2.62 -10.87 2.42
CA GLY A 725 2.74 -10.96 3.86
C GLY A 725 2.61 -9.60 4.51
N GLU A 726 2.57 -9.62 5.85
CA GLU A 726 2.36 -8.40 6.61
C GLU A 726 3.38 -8.29 7.73
N LEU A 727 3.51 -7.08 8.27
CA LEU A 727 4.39 -6.85 9.41
C LEU A 727 3.68 -6.91 10.76
N TRP A 728 2.52 -6.28 10.92
CA TRP A 728 1.85 -6.32 12.21
C TRP A 728 0.36 -6.09 12.03
N GLY A 729 -0.32 -5.83 13.15
CA GLY A 729 -1.73 -5.51 13.19
C GLY A 729 -2.04 -4.79 14.49
N VAL A 730 -3.32 -4.53 14.72
CA VAL A 730 -3.76 -3.85 15.94
C VAL A 730 -5.08 -4.45 16.39
N ASP A 731 -5.36 -4.32 17.69
CA ASP A 731 -6.67 -4.69 18.21
C ASP A 731 -7.69 -3.61 17.89
N ILE A 732 -8.93 -4.02 17.70
CA ILE A 732 -10.02 -3.09 17.42
C ILE A 732 -11.14 -3.30 18.43
N PRO A 733 -11.45 -2.30 19.26
CA PRO A 733 -12.53 -2.46 20.23
C PRO A 733 -13.92 -2.33 19.63
N LEU A 734 -14.02 -1.89 18.38
CA LEU A 734 -15.30 -1.73 17.70
C LEU A 734 -15.48 -2.90 16.75
N LYS A 735 -16.61 -3.60 16.88
CA LYS A 735 -16.79 -4.90 16.25
C LYS A 735 -17.01 -4.78 14.75
N GLN A 736 -16.32 -5.65 14.00
CA GLN A 736 -16.48 -5.85 12.56
C GLN A 736 -16.31 -4.55 11.77
N LEU A 737 -15.14 -3.96 11.90
CA LEU A 737 -14.87 -2.65 11.34
C LEU A 737 -14.08 -2.79 10.04
N MET A 738 -14.57 -2.14 8.99
CA MET A 738 -13.81 -1.96 7.75
C MET A 738 -13.48 -0.48 7.60
N VAL A 739 -12.23 -0.20 7.29
CA VAL A 739 -11.71 1.17 7.27
C VAL A 739 -11.76 1.67 5.84
N ILE A 740 -12.70 2.57 5.56
CA ILE A 740 -12.83 3.21 4.26
C ILE A 740 -12.00 4.49 4.28
N GLY A 741 -11.07 4.59 3.35
CA GLY A 741 -10.28 5.79 3.21
C GLY A 741 -10.08 6.11 1.74
N MET A 742 -9.89 7.39 1.45
CA MET A 742 -9.74 7.85 0.08
C MET A 742 -8.97 9.16 0.06
N ASP A 743 -8.46 9.49 -1.12
CA ASP A 743 -7.73 10.73 -1.33
C ASP A 743 -7.86 11.13 -2.79
N VAL A 744 -8.25 12.38 -3.03
CA VAL A 744 -8.33 12.91 -4.38
C VAL A 744 -6.95 13.37 -4.81
N TYR A 745 -6.62 13.19 -6.08
CA TYR A 745 -5.42 13.75 -6.68
C TYR A 745 -5.83 14.56 -7.91
N HIS A 746 -6.10 15.85 -7.68
CA HIS A 746 -6.33 16.78 -8.78
C HIS A 746 -5.01 16.95 -9.55
N ASP A 747 -5.05 16.67 -10.85
CA ASP A 747 -3.83 16.79 -11.64
C ASP A 747 -3.51 18.26 -11.87
N PRO A 748 -2.33 18.72 -11.51
CA PRO A 748 -2.00 20.14 -11.70
C PRO A 748 -1.44 20.44 -13.09
N SER A 749 -1.13 19.40 -13.85
CA SER A 749 -0.43 19.60 -15.13
C SER A 749 -1.39 19.71 -16.31
N ARG A 750 -2.12 18.63 -16.61
CA ARG A 750 -2.93 18.58 -17.82
C ARG A 750 -4.02 17.54 -17.65
N GLY A 751 -5.24 17.90 -18.01
CA GLY A 751 -6.36 16.99 -18.07
C GLY A 751 -7.29 17.03 -16.87
N MET A 752 -6.76 17.34 -15.69
CA MET A 752 -7.50 17.40 -14.42
C MET A 752 -8.20 16.07 -14.13
N ARG A 753 -7.37 15.06 -13.88
CA ARG A 753 -7.85 13.69 -13.71
C ARG A 753 -8.77 13.55 -12.50
N SER A 754 -8.39 14.16 -11.37
CA SER A 754 -9.07 14.03 -10.07
C SER A 754 -9.21 12.57 -9.66
N VAL A 755 -8.06 11.87 -9.61
CA VAL A 755 -8.06 10.44 -9.29
C VAL A 755 -8.30 10.25 -7.80
N VAL A 756 -9.27 9.42 -7.46
CA VAL A 756 -9.61 9.11 -6.08
C VAL A 756 -9.33 7.63 -5.85
N GLY A 757 -8.48 7.33 -4.87
CA GLY A 757 -8.23 5.97 -4.48
C GLY A 757 -9.28 5.48 -3.51
N PHE A 758 -9.16 4.21 -3.12
CA PHE A 758 -10.08 3.67 -2.12
C PHE A 758 -9.45 2.48 -1.41
N VAL A 759 -9.48 2.47 -0.09
CA VAL A 759 -8.96 1.36 0.71
C VAL A 759 -10.08 0.84 1.60
N ALA A 760 -10.02 -0.46 1.90
CA ALA A 760 -10.97 -1.11 2.79
C ALA A 760 -10.29 -2.32 3.40
N SER A 761 -10.69 -2.68 4.61
CA SER A 761 -10.13 -3.85 5.25
C SER A 761 -10.85 -5.11 4.81
N ILE A 762 -10.08 -6.17 4.57
CA ILE A 762 -10.65 -7.47 4.23
C ILE A 762 -10.79 -8.38 5.44
N ASN A 763 -9.79 -8.41 6.32
CA ASN A 763 -9.76 -9.31 7.47
C ASN A 763 -10.14 -8.55 8.74
N LEU A 764 -10.39 -9.32 9.81
CA LEU A 764 -10.89 -8.75 11.05
C LEU A 764 -9.85 -7.87 11.74
N THR A 765 -8.57 -8.28 11.70
CA THR A 765 -7.52 -7.61 12.45
C THR A 765 -6.76 -6.61 11.60
N LEU A 766 -7.36 -6.18 10.48
CA LEU A 766 -6.77 -5.25 9.51
C LEU A 766 -5.41 -5.75 9.01
N THR A 767 -5.42 -6.97 8.48
CA THR A 767 -4.19 -7.55 7.95
C THR A 767 -4.23 -7.68 6.43
N LYS A 768 -5.34 -8.12 5.84
CA LYS A 768 -5.49 -8.08 4.39
C LYS A 768 -6.33 -6.87 4.00
N TRP A 769 -5.85 -6.13 2.99
CA TRP A 769 -6.47 -4.87 2.59
C TRP A 769 -6.83 -4.89 1.11
N TYR A 770 -8.07 -4.50 0.80
CA TYR A 770 -8.55 -4.36 -0.57
C TYR A 770 -8.52 -2.89 -0.96
N SER A 771 -7.78 -2.56 -2.02
CA SER A 771 -7.58 -1.17 -2.40
C SER A 771 -7.75 -1.01 -3.90
N ARG A 772 -8.76 -0.25 -4.31
CA ARG A 772 -9.04 0.05 -5.71
C ARG A 772 -8.61 1.46 -6.07
N VAL A 773 -8.42 1.65 -7.38
CA VAL A 773 -8.15 2.96 -7.96
C VAL A 773 -9.30 3.28 -8.90
N VAL A 774 -9.79 4.52 -8.84
CA VAL A 774 -10.93 4.96 -9.63
C VAL A 774 -10.46 5.96 -10.68
N PHE A 775 -10.88 5.75 -11.93
CA PHE A 775 -10.45 6.55 -13.08
C PHE A 775 -11.69 7.13 -13.76
N GLN A 776 -11.82 8.45 -13.74
CA GLN A 776 -12.95 9.10 -14.42
C GLN A 776 -12.61 10.56 -14.70
N MET A 777 -12.96 11.02 -15.92
CA MET A 777 -12.56 12.37 -16.33
C MET A 777 -13.33 13.47 -15.60
N PRO A 778 -14.67 13.53 -15.63
CA PRO A 778 -15.35 14.64 -14.95
C PRO A 778 -15.51 14.34 -13.47
N HIS A 779 -16.23 15.23 -12.77
CA HIS A 779 -16.54 15.07 -11.36
C HIS A 779 -17.94 14.51 -11.13
N GLN A 780 -18.58 13.98 -12.17
CA GLN A 780 -19.98 13.56 -12.10
C GLN A 780 -20.16 12.05 -12.17
N GLU A 781 -19.57 11.40 -13.17
CA GLU A 781 -19.72 9.95 -13.33
C GLU A 781 -18.59 9.15 -12.68
N ILE A 782 -17.92 9.70 -11.67
CA ILE A 782 -17.02 8.91 -10.84
C ILE A 782 -17.82 7.92 -9.99
N VAL A 783 -19.05 8.30 -9.64
CA VAL A 783 -19.83 7.61 -8.61
C VAL A 783 -20.22 6.21 -9.06
N ASP A 784 -20.42 6.01 -10.38
CA ASP A 784 -20.76 4.68 -10.88
C ASP A 784 -19.61 3.70 -10.68
N SER A 785 -18.39 4.13 -10.98
CA SER A 785 -17.22 3.29 -10.74
C SER A 785 -16.99 3.09 -9.26
N LEU A 786 -17.31 4.11 -8.44
CA LEU A 786 -17.25 3.96 -6.99
C LEU A 786 -18.20 2.87 -6.49
N LYS A 787 -19.44 2.87 -6.97
CA LYS A 787 -20.41 1.87 -6.55
C LYS A 787 -20.06 0.48 -7.05
N LEU A 788 -19.52 0.38 -8.27
CA LEU A 788 -19.05 -0.89 -8.79
C LEU A 788 -17.92 -1.45 -7.94
N CYS A 789 -16.96 -0.59 -7.56
CA CYS A 789 -15.85 -1.04 -6.72
C CYS A 789 -16.33 -1.41 -5.32
N LEU A 790 -17.34 -0.71 -4.81
CA LEU A 790 -17.80 -0.99 -3.45
C LEU A 790 -18.61 -2.28 -3.38
N VAL A 791 -19.43 -2.56 -4.41
CA VAL A 791 -20.14 -3.84 -4.40
C VAL A 791 -19.17 -4.99 -4.66
N GLY A 792 -18.10 -4.75 -5.44
CA GLY A 792 -17.06 -5.75 -5.56
C GLY A 792 -16.34 -6.00 -4.25
N SER A 793 -16.07 -4.93 -3.49
CA SER A 793 -15.41 -5.07 -2.20
C SER A 793 -16.28 -5.80 -1.19
N LEU A 794 -17.59 -5.52 -1.21
CA LEU A 794 -18.50 -6.21 -0.29
C LEU A 794 -18.66 -7.68 -0.67
N LYS A 795 -18.68 -7.99 -1.97
CA LYS A 795 -18.73 -9.38 -2.40
C LYS A 795 -17.44 -10.12 -2.01
N LYS A 796 -16.30 -9.44 -2.13
CA LYS A 796 -15.03 -10.03 -1.70
C LYS A 796 -14.98 -10.24 -0.19
N TYR A 797 -15.55 -9.28 0.57
CA TYR A 797 -15.63 -9.42 2.02
C TYR A 797 -16.48 -10.62 2.42
N TYR A 798 -17.62 -10.81 1.74
CA TYR A 798 -18.45 -11.96 2.02
C TYR A 798 -17.76 -13.26 1.62
N GLU A 799 -16.96 -13.22 0.54
CA GLU A 799 -16.19 -14.39 0.13
C GLU A 799 -15.14 -14.77 1.17
N VAL A 800 -14.44 -13.78 1.72
CA VAL A 800 -13.32 -14.08 2.62
C VAL A 800 -13.72 -14.19 4.08
N ASN A 801 -14.89 -13.72 4.47
CA ASN A 801 -15.26 -13.63 5.89
C ASN A 801 -16.55 -14.34 6.23
N HIS A 802 -17.56 -14.29 5.36
CA HIS A 802 -18.89 -14.91 5.45
C HIS A 802 -19.76 -14.31 6.54
N CYS A 803 -19.24 -13.40 7.37
CA CYS A 803 -20.03 -12.59 8.30
C CYS A 803 -19.83 -11.15 7.88
N LEU A 804 -20.92 -10.46 7.61
CA LEU A 804 -20.83 -9.18 6.92
C LEU A 804 -20.34 -8.09 7.88
N PRO A 805 -19.54 -7.14 7.39
CA PRO A 805 -19.07 -6.05 8.25
C PRO A 805 -20.20 -5.14 8.69
N GLU A 806 -20.04 -4.55 9.88
CA GLU A 806 -21.12 -3.79 10.49
C GLU A 806 -20.78 -2.34 10.80
N LYS A 807 -19.51 -1.99 10.96
CA LYS A 807 -19.10 -0.62 11.22
C LYS A 807 -18.40 -0.06 10.00
N ILE A 808 -18.83 1.13 9.58
CA ILE A 808 -18.26 1.81 8.41
C ILE A 808 -17.83 3.21 8.83
N VAL A 809 -16.53 3.48 8.74
CA VAL A 809 -15.95 4.78 9.06
C VAL A 809 -15.17 5.26 7.83
N VAL A 810 -15.46 6.48 7.39
CA VAL A 810 -14.82 7.07 6.22
C VAL A 810 -13.98 8.25 6.66
N TYR A 811 -12.70 8.24 6.30
CA TYR A 811 -11.74 9.29 6.63
C TYR A 811 -11.53 10.11 5.38
N ARG A 812 -12.23 11.24 5.28
CA ARG A 812 -12.17 12.03 4.05
C ARG A 812 -11.08 13.08 4.24
N ASP A 813 -10.17 13.17 3.28
CA ASP A 813 -9.07 14.12 3.33
C ASP A 813 -8.77 14.56 1.92
N GLY A 814 -8.21 15.77 1.76
CA GLY A 814 -7.95 16.32 0.46
C GLY A 814 -8.96 17.34 -0.01
N VAL A 815 -9.85 17.78 0.86
CA VAL A 815 -10.86 18.78 0.54
C VAL A 815 -10.75 19.90 1.57
N SER A 816 -10.57 21.13 1.08
CA SER A 816 -10.45 22.29 1.95
C SER A 816 -11.83 22.73 2.44
N ASP A 817 -11.84 23.88 3.12
CA ASP A 817 -13.10 24.41 3.63
C ASP A 817 -13.99 24.94 2.50
N GLY A 818 -13.39 25.35 1.38
CA GLY A 818 -14.18 25.85 0.26
C GLY A 818 -14.91 24.77 -0.50
N GLN A 819 -14.28 23.61 -0.70
CA GLN A 819 -14.91 22.50 -1.40
C GLN A 819 -15.72 21.60 -0.47
N LEU A 820 -15.77 21.93 0.82
CA LEU A 820 -16.42 21.04 1.79
C LEU A 820 -17.94 21.02 1.60
N LYS A 821 -18.53 22.18 1.31
CA LYS A 821 -19.99 22.27 1.17
C LYS A 821 -20.48 21.53 -0.07
N THR A 822 -19.73 21.63 -1.17
CA THR A 822 -20.17 21.06 -2.43
C THR A 822 -19.79 19.58 -2.57
N VAL A 823 -19.03 19.04 -1.63
CA VAL A 823 -18.63 17.63 -1.70
C VAL A 823 -19.28 16.83 -0.57
N ALA A 824 -19.20 17.31 0.67
CA ALA A 824 -19.73 16.56 1.81
C ALA A 824 -21.26 16.57 1.87
N ASN A 825 -21.92 17.40 1.06
CA ASN A 825 -23.37 17.36 0.94
C ASN A 825 -23.85 16.88 -0.42
N TYR A 826 -22.94 16.54 -1.33
CA TYR A 826 -23.33 16.08 -2.65
C TYR A 826 -22.88 14.66 -2.97
N GLU A 827 -21.60 14.31 -2.73
CA GLU A 827 -21.06 13.04 -3.18
C GLU A 827 -21.55 11.86 -2.35
N ILE A 828 -21.50 12.01 -1.02
CA ILE A 828 -21.76 10.93 -0.06
C ILE A 828 -23.19 10.38 -0.04
N PRO A 829 -24.28 11.11 -0.41
CA PRO A 829 -25.58 10.39 -0.42
C PRO A 829 -25.71 9.33 -1.51
N GLN A 830 -25.30 9.60 -2.76
CA GLN A 830 -25.34 8.50 -3.73
C GLN A 830 -24.07 7.66 -3.72
N LEU A 831 -23.07 8.03 -2.91
CA LEU A 831 -22.12 6.99 -2.49
C LEU A 831 -22.78 6.01 -1.51
N GLN A 832 -23.61 6.53 -0.60
CA GLN A 832 -24.39 5.69 0.30
C GLN A 832 -25.40 4.84 -0.45
N LYS A 833 -25.89 5.35 -1.59
CA LYS A 833 -26.93 4.68 -2.36
C LYS A 833 -26.46 3.39 -3.04
N CYS A 834 -25.17 3.04 -2.91
CA CYS A 834 -24.66 1.79 -3.45
C CYS A 834 -25.19 0.56 -2.73
N PHE A 835 -25.79 0.74 -1.55
CA PHE A 835 -26.26 -0.37 -0.73
C PHE A 835 -27.64 -0.86 -1.16
N GLU A 836 -28.19 -0.36 -2.26
CA GLU A 836 -29.43 -0.89 -2.83
C GLU A 836 -29.19 -1.91 -3.94
N ALA A 837 -27.94 -2.27 -4.21
CA ALA A 837 -27.66 -3.35 -5.14
C ALA A 837 -28.11 -4.70 -4.61
N PHE A 838 -28.16 -4.86 -3.29
CA PHE A 838 -28.65 -6.07 -2.64
C PHE A 838 -29.48 -5.66 -1.44
N ASP A 839 -30.18 -6.63 -0.86
CA ASP A 839 -31.13 -6.36 0.22
C ASP A 839 -30.55 -6.75 1.58
N ASN A 840 -31.28 -6.36 2.62
CA ASN A 840 -30.97 -6.64 4.03
C ASN A 840 -29.59 -6.10 4.43
N TYR A 841 -29.47 -4.77 4.38
CA TYR A 841 -28.22 -4.12 4.74
C TYR A 841 -28.49 -2.65 5.04
N HIS A 842 -28.09 -2.22 6.25
CA HIS A 842 -28.11 -0.81 6.64
C HIS A 842 -27.18 -0.62 7.84
N PRO A 843 -25.86 -0.60 7.62
CA PRO A 843 -24.94 -0.48 8.76
C PRO A 843 -24.77 0.96 9.21
N LYS A 844 -23.89 1.19 10.17
CA LYS A 844 -23.64 2.52 10.68
C LYS A 844 -22.55 3.22 9.88
N MET A 845 -22.78 4.49 9.57
CA MET A 845 -21.91 5.28 8.71
C MET A 845 -21.20 6.36 9.51
N VAL A 846 -19.89 6.49 9.31
CA VAL A 846 -19.13 7.63 9.79
C VAL A 846 -18.32 8.20 8.62
N VAL A 847 -18.49 9.49 8.36
CA VAL A 847 -17.63 10.24 7.45
C VAL A 847 -17.09 11.46 8.18
N PHE A 848 -15.76 11.59 8.22
CA PHE A 848 -15.03 12.64 8.90
C PHE A 848 -14.52 13.65 7.87
N VAL A 849 -13.76 14.64 8.36
CA VAL A 849 -12.83 15.41 7.53
C VAL A 849 -11.47 15.37 8.25
N VAL A 850 -10.41 15.57 7.46
CA VAL A 850 -9.04 15.57 7.97
C VAL A 850 -8.31 16.76 7.36
N GLN A 851 -7.74 17.61 8.22
CA GLN A 851 -6.92 18.73 7.76
C GLN A 851 -5.88 19.10 8.81
N HIS A 903 -6.52 17.83 12.18
CA HIS A 903 -7.79 18.25 12.75
C HIS A 903 -8.93 17.41 12.17
N TYR A 904 -9.89 17.04 13.01
CA TYR A 904 -10.92 16.07 12.66
C TYR A 904 -12.30 16.64 12.97
N ILE A 905 -13.13 16.80 11.93
CA ILE A 905 -14.54 17.16 12.07
C ILE A 905 -15.35 16.17 11.25
N CYS A 906 -16.43 15.64 11.84
CA CYS A 906 -17.28 14.71 11.14
C CYS A 906 -18.24 15.45 10.20
N VAL A 907 -18.64 14.76 9.13
CA VAL A 907 -19.67 15.26 8.22
C VAL A 907 -20.82 14.28 8.04
N LEU A 908 -20.70 13.06 8.56
CA LEU A 908 -21.83 12.13 8.57
C LEU A 908 -21.68 11.25 9.82
N ASN A 909 -22.63 11.37 10.74
CA ASN A 909 -22.58 10.68 12.03
C ASN A 909 -23.85 9.82 12.17
N THR A 910 -23.72 8.54 11.86
CA THR A 910 -24.82 7.59 11.98
C THR A 910 -24.56 6.54 13.05
N ALA A 911 -23.29 6.32 13.42
CA ALA A 911 -22.96 5.36 14.46
C ALA A 911 -23.50 5.79 15.82
N ASN A 912 -23.52 7.10 16.07
CA ASN A 912 -24.11 7.72 17.28
C ASN A 912 -23.46 7.20 18.56
N LEU A 913 -22.17 7.48 18.70
CA LEU A 913 -21.42 7.11 19.90
C LEU A 913 -20.51 8.26 20.29
N SER A 914 -19.79 8.06 21.39
CA SER A 914 -18.99 9.13 21.99
C SER A 914 -17.81 9.51 21.09
N PRO A 915 -17.45 10.80 21.06
CA PRO A 915 -16.29 11.21 20.24
C PRO A 915 -14.97 10.64 20.70
N ASP A 916 -14.82 10.32 21.99
CA ASP A 916 -13.53 9.87 22.51
C ASP A 916 -13.18 8.47 22.01
N HIS A 917 -14.16 7.57 21.95
CA HIS A 917 -13.90 6.19 21.53
C HIS A 917 -13.47 6.11 20.07
N MET A 918 -13.98 7.01 19.23
CA MET A 918 -13.63 7.00 17.82
C MET A 918 -12.44 7.91 17.50
N GLN A 919 -12.21 8.95 18.31
CA GLN A 919 -10.95 9.69 18.21
C GLN A 919 -9.77 8.81 18.60
N ARG A 920 -9.93 7.98 19.63
CA ARG A 920 -8.93 6.97 19.96
C ARG A 920 -8.77 5.97 18.82
N LEU A 921 -9.88 5.61 18.16
CA LEU A 921 -9.81 4.72 16.99
C LEU A 921 -8.98 5.34 15.87
N THR A 922 -9.21 6.62 15.58
CA THR A 922 -8.47 7.30 14.53
C THR A 922 -7.00 7.46 14.91
N PHE A 923 -6.72 7.75 16.18
CA PHE A 923 -5.33 7.86 16.64
C PHE A 923 -4.61 6.52 16.56
N LYS A 924 -5.36 5.42 16.77
CA LYS A 924 -4.80 4.08 16.56
C LYS A 924 -4.53 3.82 15.08
N LEU A 925 -5.49 4.17 14.23
CA LEU A 925 -5.35 3.92 12.79
C LEU A 925 -4.31 4.83 12.14
N CYS A 926 -3.91 5.91 12.81
CA CYS A 926 -2.79 6.72 12.36
C CYS A 926 -1.44 5.99 12.43
N HIS A 927 -1.36 4.88 13.16
CA HIS A 927 -0.08 4.36 13.64
C HIS A 927 0.42 3.16 12.84
N MET A 928 -0.32 2.71 11.82
CA MET A 928 -0.01 1.47 11.13
C MET A 928 0.61 1.67 9.75
N TYR A 929 1.49 2.66 9.56
CA TYR A 929 2.15 2.81 8.27
C TYR A 929 3.18 1.71 8.10
N TRP A 930 2.94 0.81 7.14
CA TRP A 930 3.71 -0.42 6.98
C TRP A 930 4.95 -0.24 6.13
N ASN A 931 5.46 0.97 6.00
CA ASN A 931 6.82 1.15 5.49
C ASN A 931 7.58 2.10 6.40
N TRP A 932 6.87 3.06 6.99
CA TRP A 932 7.44 3.98 7.97
C TRP A 932 6.81 3.69 9.33
N PRO A 933 7.41 2.82 10.14
CA PRO A 933 6.86 2.58 11.48
C PRO A 933 7.13 3.75 12.41
N GLY A 934 6.10 4.53 12.68
CA GLY A 934 6.26 5.72 13.49
C GLY A 934 5.15 6.71 13.21
N THR A 935 5.40 7.96 13.58
CA THR A 935 4.40 9.01 13.52
C THR A 935 4.36 9.65 12.14
N ILE A 936 3.15 10.08 11.77
CA ILE A 936 2.86 10.69 10.47
C ILE A 936 1.90 11.86 10.71
N ARG A 937 1.61 12.60 9.64
CA ARG A 937 0.83 13.82 9.79
C ARG A 937 -0.67 13.54 9.84
N VAL A 938 -1.23 13.00 8.76
CA VAL A 938 -2.67 12.71 8.66
C VAL A 938 -2.85 11.23 8.97
N PRO A 939 -4.08 10.71 9.09
CA PRO A 939 -4.26 9.26 9.28
C PRO A 939 -3.65 8.43 8.15
N ALA A 940 -3.14 7.25 8.53
CA ALA A 940 -2.57 6.34 7.54
C ALA A 940 -3.51 5.88 6.43
N PRO A 941 -4.78 5.46 6.67
CA PRO A 941 -5.61 5.01 5.54
C PRO A 941 -5.90 6.08 4.50
N CYS A 942 -5.73 7.35 4.85
CA CYS A 942 -5.57 8.38 3.83
C CYS A 942 -4.32 8.11 2.99
N LYS A 943 -3.20 7.79 3.64
CA LYS A 943 -1.96 7.69 2.87
C LYS A 943 -1.77 6.40 2.09
N TYR A 944 -2.39 5.27 2.45
CA TYR A 944 -2.35 4.12 1.54
C TYR A 944 -3.00 4.42 0.20
N ALA A 945 -4.00 5.32 0.18
CA ALA A 945 -4.58 5.76 -1.08
C ALA A 945 -3.86 6.97 -1.67
N HIS A 946 -3.22 7.77 -0.84
CA HIS A 946 -2.47 8.95 -1.30
C HIS A 946 -1.23 8.54 -2.09
N LYS A 947 -0.46 7.59 -1.56
CA LYS A 947 0.69 7.07 -2.28
C LYS A 947 0.23 6.24 -3.48
N LEU A 948 -0.92 5.60 -3.37
CA LEU A 948 -1.55 4.96 -4.53
C LEU A 948 -1.96 5.98 -5.58
N ALA A 949 -2.33 7.19 -5.17
CA ALA A 949 -2.78 8.21 -6.12
C ALA A 949 -1.61 8.77 -6.92
N PHE A 950 -0.53 9.14 -6.24
CA PHE A 950 0.69 9.45 -7.01
C PHE A 950 1.38 8.23 -7.58
N LEU A 951 0.98 7.01 -7.22
CA LEU A 951 1.42 5.87 -8.02
C LEU A 951 0.68 5.82 -9.34
N SER A 952 -0.63 6.02 -9.31
CA SER A 952 -1.48 5.81 -10.48
C SER A 952 -1.83 7.11 -11.18
N GLY A 953 -2.46 8.05 -10.46
CA GLY A 953 -2.95 9.26 -11.08
C GLY A 953 -1.87 10.25 -11.47
N GLN A 954 -0.63 10.01 -11.04
CA GLN A 954 0.50 10.83 -11.44
C GLN A 954 1.43 10.11 -12.41
N ILE A 955 1.79 8.86 -12.13
CA ILE A 955 2.82 8.15 -12.87
C ILE A 955 2.22 7.16 -13.86
N LEU A 956 1.30 6.31 -13.41
CA LEU A 956 0.83 5.20 -14.24
C LEU A 956 -0.26 5.63 -15.23
N HIS A 957 -1.32 6.27 -14.72
CA HIS A 957 -2.54 6.59 -15.49
C HIS A 957 -3.15 5.36 -16.15
N HIS A 958 -3.31 4.28 -15.38
CA HIS A 958 -3.88 3.04 -15.89
C HIS A 958 -4.76 2.42 -14.80
N GLU A 959 -5.70 1.58 -15.24
CA GLU A 959 -6.61 0.91 -14.33
C GLU A 959 -5.88 -0.22 -13.58
N PRO A 960 -6.15 -0.41 -12.30
CA PRO A 960 -5.38 -1.37 -11.51
C PRO A 960 -5.70 -2.81 -11.87
N ALA A 961 -4.76 -3.70 -11.52
CA ALA A 961 -4.91 -5.13 -11.77
C ALA A 961 -5.64 -5.80 -10.61
N ILE A 962 -6.23 -6.97 -10.89
CA ILE A 962 -7.21 -7.55 -9.98
C ILE A 962 -6.55 -8.10 -8.71
N GLN A 963 -5.43 -8.80 -8.84
CA GLN A 963 -4.93 -9.59 -7.71
C GLN A 963 -4.22 -8.71 -6.69
N LEU A 964 -3.41 -7.77 -7.16
CA LEU A 964 -2.60 -6.97 -6.23
C LEU A 964 -3.41 -5.92 -5.49
N CYS A 965 -4.68 -5.70 -5.90
CA CYS A 965 -5.54 -4.79 -5.15
C CYS A 965 -5.86 -5.34 -3.76
N GLY A 966 -5.77 -6.64 -3.57
CA GLY A 966 -5.81 -7.27 -2.27
C GLY A 966 -4.51 -7.19 -1.50
N ASN A 967 -3.48 -6.59 -2.08
CA ASN A 967 -2.21 -6.38 -1.41
C ASN A 967 -1.86 -4.89 -1.45
N LEU A 968 -0.81 -4.51 -0.73
CA LEU A 968 -0.32 -3.14 -0.79
C LEU A 968 0.92 -3.05 -1.69
N PHE A 969 0.70 -3.27 -2.98
CA PHE A 969 1.78 -3.22 -3.95
C PHE A 969 2.17 -1.79 -4.32
N PHE A 970 1.46 -0.78 -3.80
CA PHE A 970 1.81 0.60 -4.09
C PHE A 970 3.04 1.04 -3.29
N LEU A 971 3.30 0.41 -2.15
CA LEU A 971 4.38 0.82 -1.27
C LEU A 971 5.75 0.44 -1.83
#